data_5NF6
#
_entry.id   5NF6
#
_cell.length_a   130.138
_cell.length_b   56.071
_cell.length_c   87.516
_cell.angle_alpha   90.00
_cell.angle_beta   90.00
_cell.angle_gamma   90.00
#
_symmetry.space_group_name_H-M   'P 2 2 21'
#
loop_
_entity.id
_entity.type
_entity.pdbx_description
1 polymer 'Glutamate receptor ionotropic, kainate 3,Glutamate receptor ionotropic, kainate 3'
2 non-polymer 'ZINC ION'
3 non-polymer '(3~{a}~{S},4~{S},6~{a}~{R})-4,5,6,6~{a}-tetrahydro-3~{a}~{H}-pyrrolo[3,4-d][1,2]oxazole-3,4-dicarboxylic acid'
4 non-polymer 'ACETATE ION'
5 non-polymer GLYCEROL
6 non-polymer 'CHLORIDE ION'
7 water water
#
_entity_poly.entity_id   1
_entity_poly.type   'polypeptide(L)'
_entity_poly.pdbx_seq_one_letter_code
;GPGTNRSLIVTTLLEEPFVMFRKSDRTLYGNDRFEGYCIDLLKELAHILGFSYEIRLVEDGKYGAQDDKGQWNGMVKELI
DHKADLAVAPLTITHVREKAIDFSKPFMTLGVSILYRKGTPIDSADDLAKQTKIEYGAVKDGATMTFFKKSKISTFEKMW
AFMSSKPSALVKNNEEGIQRTLTADYALLMESTTIEYITQRNCNLTQIGGLIDSKGYGIGTPMGSPYRDKITIAILQLQE
EDKLHIMKEKWWRGSGCP
;
_entity_poly.pdbx_strand_id   B,A
#
loop_
_chem_comp.id
_chem_comp.type
_chem_comp.name
_chem_comp.formula
8VN non-polymer '(3~{a}~{S},4~{S},6~{a}~{R})-4,5,6,6~{a}-tetrahydro-3~{a}~{H}-pyrrolo[3,4-d][1,2]oxazole-3,4-dicarboxylic acid' 'C7 H8 N2 O5'
ACT non-polymer 'ACETATE ION' 'C2 H3 O2 -1'
CL non-polymer 'CHLORIDE ION' 'Cl -1'
GOL non-polymer GLYCEROL 'C3 H8 O3'
ZN non-polymer 'ZINC ION' 'Zn 2'
#
# COMPACT_ATOMS: atom_id res chain seq x y z
N ARG A 6 1.79 30.13 -19.92
CA ARG A 6 0.62 30.43 -19.10
C ARG A 6 0.61 29.55 -17.85
N SER A 7 0.43 30.18 -16.70
CA SER A 7 0.39 29.46 -15.44
C SER A 7 -1.00 28.85 -15.22
N LEU A 8 -1.02 27.73 -14.50
CA LEU A 8 -2.27 27.07 -14.17
C LEU A 8 -2.76 27.54 -12.83
N ILE A 9 -4.07 27.74 -12.71
CA ILE A 9 -4.70 28.14 -11.46
C ILE A 9 -5.00 26.89 -10.66
N VAL A 10 -4.35 26.74 -9.51
CA VAL A 10 -4.51 25.57 -8.66
C VAL A 10 -5.34 26.00 -7.45
N THR A 11 -6.57 25.53 -7.37
CA THR A 11 -7.40 25.77 -6.19
C THR A 11 -7.08 24.73 -5.12
N THR A 12 -7.03 25.18 -3.88
CA THR A 12 -6.77 24.26 -2.78
C THR A 12 -7.42 24.80 -1.51
N LEU A 13 -7.09 24.19 -0.38
CA LEU A 13 -7.79 24.44 0.86
C LEU A 13 -6.88 24.08 2.01
N LEU A 14 -6.85 24.94 3.04
CA LEU A 14 -6.01 24.69 4.21
C LEU A 14 -6.51 23.45 4.95
N GLU A 15 -5.64 22.45 5.07
CA GLU A 15 -6.01 21.17 5.69
C GLU A 15 -4.73 20.47 6.10
N GLU A 16 -4.53 20.27 7.39
CA GLU A 16 -3.33 19.61 7.88
C GLU A 16 -3.41 18.10 7.67
N PRO A 17 -2.31 17.47 7.24
CA PRO A 17 -0.99 18.01 6.85
C PRO A 17 -0.85 18.22 5.35
N PHE A 18 -1.97 18.45 4.67
CA PHE A 18 -1.96 18.55 3.21
C PHE A 18 -1.52 19.94 2.75
N VAL A 19 -2.21 20.98 3.21
CA VAL A 19 -1.90 22.36 2.83
C VAL A 19 -1.91 23.22 4.08
N MET A 20 -0.81 23.93 4.31
CA MET A 20 -0.65 24.71 5.53
C MET A 20 0.21 25.93 5.22
N PHE A 21 -0.01 27.00 5.98
CA PHE A 21 0.89 28.15 5.92
C PHE A 21 2.16 27.80 6.67
N ARG A 22 3.29 27.79 5.97
CA ARG A 22 4.56 27.50 6.62
C ARG A 22 4.99 28.69 7.48
N LYS A 23 5.55 28.39 8.65
CA LYS A 23 5.89 29.43 9.60
C LYS A 23 7.06 30.27 9.08
N SER A 24 7.02 31.57 9.36
CA SER A 24 8.07 32.48 8.93
C SER A 24 8.03 33.72 9.81
N ASP A 25 9.19 34.34 9.99
CA ASP A 25 9.29 35.60 10.71
C ASP A 25 8.80 36.80 9.89
N ARG A 26 8.64 36.65 8.58
CA ARG A 26 8.14 37.71 7.73
C ARG A 26 6.88 37.25 7.02
N THR A 27 6.24 38.18 6.33
CA THR A 27 5.04 37.90 5.57
C THR A 27 5.44 37.34 4.21
N LEU A 28 5.13 36.07 3.98
CA LEU A 28 5.41 35.44 2.70
C LEU A 28 4.26 35.68 1.74
N TYR A 29 4.55 35.55 0.45
CA TYR A 29 3.53 35.78 -0.57
C TYR A 29 3.65 34.74 -1.68
N GLY A 30 2.55 34.56 -2.40
CA GLY A 30 2.48 33.60 -3.47
C GLY A 30 2.62 32.17 -2.99
N ASN A 31 3.02 31.31 -3.93
CA ASN A 31 3.18 29.89 -3.63
C ASN A 31 4.12 29.65 -2.47
N ASP A 32 5.03 30.59 -2.21
CA ASP A 32 5.99 30.48 -1.12
C ASP A 32 5.31 30.42 0.25
N ARG A 33 4.01 30.74 0.34
CA ARG A 33 3.34 30.70 1.63
C ARG A 33 3.05 29.28 2.10
N PHE A 34 2.85 28.35 1.16
CA PHE A 34 2.23 27.08 1.48
C PHE A 34 3.25 25.96 1.59
N GLU A 35 2.90 24.96 2.41
CA GLU A 35 3.68 23.73 2.53
C GLU A 35 2.72 22.60 2.88
N GLY A 36 3.19 21.37 2.72
CA GLY A 36 2.44 20.19 3.09
C GLY A 36 2.49 19.14 2.01
N TYR A 37 1.82 18.01 2.29
CA TYR A 37 1.85 16.88 1.38
C TYR A 37 1.38 17.27 -0.02
N CYS A 38 0.23 17.95 -0.11
CA CYS A 38 -0.31 18.32 -1.41
C CYS A 38 0.53 19.39 -2.10
N ILE A 39 1.28 20.18 -1.33
CA ILE A 39 2.19 21.15 -1.95
C ILE A 39 3.38 20.42 -2.59
N ASP A 40 3.95 19.46 -1.87
CA ASP A 40 5.01 18.63 -2.46
C ASP A 40 4.48 17.90 -3.70
N LEU A 41 3.29 17.33 -3.59
CA LEU A 41 2.69 16.67 -4.76
C LEU A 41 2.57 17.64 -5.92
N LEU A 42 2.10 18.86 -5.64
CA LEU A 42 1.95 19.86 -6.69
C LEU A 42 3.30 20.18 -7.33
N LYS A 43 4.35 20.25 -6.53
CA LYS A 43 5.69 20.48 -7.10
C LYS A 43 6.09 19.33 -8.01
N GLU A 44 5.85 18.09 -7.58
CA GLU A 44 6.19 16.94 -8.41
C GLU A 44 5.44 17.00 -9.74
N LEU A 45 4.12 17.19 -9.68
CA LEU A 45 3.33 17.27 -10.92
C LEU A 45 3.83 18.40 -11.81
N ALA A 46 4.10 19.57 -11.22
CA ALA A 46 4.54 20.72 -12.01
C ALA A 46 5.87 20.43 -12.70
N HIS A 47 6.76 19.69 -12.03
CA HIS A 47 8.02 19.35 -12.68
C HIS A 47 7.81 18.32 -13.79
N ILE A 48 7.00 17.30 -13.52
CA ILE A 48 6.84 16.20 -14.48
C ILE A 48 6.17 16.71 -15.74
N LEU A 49 5.06 17.44 -15.61
CA LEU A 49 4.36 17.96 -16.77
C LEU A 49 4.97 19.24 -17.31
N GLY A 50 5.79 19.93 -16.52
CA GLY A 50 6.45 21.13 -16.98
C GLY A 50 5.50 22.29 -17.13
N PHE A 51 4.86 22.70 -16.04
CA PHE A 51 3.97 23.85 -16.04
C PHE A 51 4.22 24.68 -14.79
N SER A 52 3.95 25.97 -14.91
CA SER A 52 3.95 26.86 -13.77
C SER A 52 2.52 27.05 -13.27
N TYR A 53 2.40 27.49 -12.02
CA TYR A 53 1.10 27.51 -11.38
C TYR A 53 1.04 28.63 -10.36
N GLU A 54 -0.19 29.00 -10.00
CA GLU A 54 -0.45 29.90 -8.89
C GLU A 54 -1.48 29.25 -7.99
N ILE A 55 -1.16 29.18 -6.69
CA ILE A 55 -2.03 28.54 -5.71
C ILE A 55 -3.02 29.58 -5.20
N ARG A 56 -4.30 29.21 -5.20
CA ARG A 56 -5.36 30.05 -4.67
C ARG A 56 -6.24 29.22 -3.76
N LEU A 57 -6.59 29.79 -2.62
CA LEU A 57 -7.47 29.10 -1.68
C LEU A 57 -8.91 29.31 -2.11
N VAL A 58 -9.72 28.26 -1.99
CA VAL A 58 -11.10 28.34 -2.42
C VAL A 58 -11.83 29.35 -1.53
N GLU A 59 -12.65 30.20 -2.16
CA GLU A 59 -13.25 31.32 -1.46
C GLU A 59 -14.10 30.85 -0.29
N ASP A 60 -15.07 29.98 -0.55
CA ASP A 60 -15.97 29.49 0.49
C ASP A 60 -15.33 28.47 1.43
N GLY A 61 -14.07 28.11 1.18
CA GLY A 61 -13.39 27.17 2.06
C GLY A 61 -14.03 25.80 2.12
N LYS A 62 -14.67 25.37 1.03
CA LYS A 62 -15.33 24.07 0.98
C LYS A 62 -14.69 23.20 -0.10
N TYR A 63 -14.78 21.89 0.09
CA TYR A 63 -14.27 20.95 -0.91
C TYR A 63 -15.23 20.82 -2.09
N GLY A 64 -16.51 20.67 -1.80
CA GLY A 64 -17.52 20.58 -2.83
C GLY A 64 -18.72 19.75 -2.40
N ALA A 65 -19.91 20.34 -2.48
CA ALA A 65 -21.14 19.62 -2.12
C ALA A 65 -22.27 20.15 -2.98
N GLN A 66 -23.29 19.30 -3.14
CA GLN A 66 -24.47 19.63 -3.93
C GLN A 66 -25.62 19.99 -3.00
N ASP A 67 -26.36 21.05 -3.36
CA ASP A 67 -27.49 21.49 -2.56
C ASP A 67 -28.75 20.76 -3.03
N ASP A 68 -29.93 21.35 -2.77
CA ASP A 68 -31.18 20.70 -3.15
C ASP A 68 -31.41 20.78 -4.65
N LYS A 69 -31.15 21.94 -5.26
CA LYS A 69 -31.34 22.11 -6.69
C LYS A 69 -30.14 21.64 -7.51
N GLY A 70 -29.16 21.00 -6.88
CA GLY A 70 -28.06 20.38 -7.59
C GLY A 70 -26.86 21.26 -7.85
N GLN A 71 -26.83 22.48 -7.33
CA GLN A 71 -25.69 23.35 -7.54
C GLN A 71 -24.53 22.99 -6.63
N TRP A 72 -23.32 23.08 -7.16
CA TRP A 72 -22.11 22.74 -6.42
C TRP A 72 -21.52 23.98 -5.77
N ASN A 73 -20.61 23.74 -4.82
CA ASN A 73 -19.84 24.80 -4.19
C ASN A 73 -18.39 24.33 -4.06
N GLY A 74 -17.58 25.16 -3.42
CA GLY A 74 -16.22 24.76 -3.10
C GLY A 74 -15.34 24.56 -4.33
N MET A 75 -14.27 23.78 -4.11
CA MET A 75 -13.31 23.51 -5.18
C MET A 75 -14.00 22.87 -6.38
N VAL A 76 -14.96 21.98 -6.14
CA VAL A 76 -15.69 21.36 -7.25
C VAL A 76 -16.32 22.44 -8.12
N LYS A 77 -16.99 23.41 -7.49
CA LYS A 77 -17.59 24.50 -8.25
C LYS A 77 -16.51 25.31 -8.96
N GLU A 78 -15.37 25.54 -8.30
CA GLU A 78 -14.28 26.24 -8.95
C GLU A 78 -13.88 25.55 -10.25
N LEU A 79 -13.83 24.21 -10.25
CA LEU A 79 -13.48 23.48 -11.46
C LEU A 79 -14.61 23.56 -12.49
N ILE A 80 -15.86 23.41 -12.04
CA ILE A 80 -16.99 23.43 -12.96
C ILE A 80 -17.03 24.75 -13.72
N ASP A 81 -16.94 25.87 -12.98
CA ASP A 81 -16.96 27.19 -13.61
C ASP A 81 -15.65 27.53 -14.31
N HIS A 82 -14.69 26.60 -14.34
CA HIS A 82 -13.40 26.82 -15.00
C HIS A 82 -12.65 28.01 -14.40
N LYS A 83 -12.83 28.23 -13.10
CA LYS A 83 -12.04 29.22 -12.37
C LYS A 83 -10.69 28.69 -11.94
N ALA A 84 -10.47 27.37 -12.03
CA ALA A 84 -9.21 26.77 -11.66
C ALA A 84 -8.93 25.59 -12.59
N ASP A 85 -7.65 25.39 -12.90
CA ASP A 85 -7.26 24.28 -13.76
C ASP A 85 -7.15 22.98 -12.98
N LEU A 86 -6.63 23.03 -11.76
CA LEU A 86 -6.38 21.85 -10.95
C LEU A 86 -6.88 22.04 -9.53
N ALA A 87 -7.44 20.99 -8.95
CA ALA A 87 -7.75 20.94 -7.53
C ALA A 87 -6.76 19.95 -6.90
N VAL A 88 -5.72 20.48 -6.27
CA VAL A 88 -4.70 19.68 -5.62
C VAL A 88 -4.98 19.72 -4.11
N ALA A 89 -5.60 18.67 -3.61
CA ALA A 89 -6.03 18.61 -2.22
C ALA A 89 -6.49 17.19 -1.90
N PRO A 90 -6.72 16.85 -0.63
CA PRO A 90 -7.32 15.55 -0.34
C PRO A 90 -8.77 15.50 -0.79
N LEU A 91 -8.98 15.61 -2.10
CA LEU A 91 -10.33 15.66 -2.68
C LEU A 91 -10.80 14.23 -2.91
N THR A 92 -11.81 13.81 -2.15
CA THR A 92 -12.27 12.43 -2.19
C THR A 92 -12.96 12.14 -3.52
N ILE A 93 -12.60 11.02 -4.13
CA ILE A 93 -13.21 10.56 -5.37
C ILE A 93 -14.55 9.92 -5.04
N THR A 94 -15.63 10.50 -5.56
CA THR A 94 -16.98 9.98 -5.34
C THR A 94 -17.72 9.91 -6.67
N HIS A 95 -18.67 8.99 -6.75
CA HIS A 95 -19.48 8.85 -7.96
C HIS A 95 -20.18 10.17 -8.29
N VAL A 96 -20.77 10.82 -7.29
CA VAL A 96 -21.48 12.07 -7.52
C VAL A 96 -20.54 13.12 -8.09
N ARG A 97 -19.30 13.19 -7.58
CA ARG A 97 -18.35 14.18 -8.08
C ARG A 97 -17.79 13.79 -9.45
N GLU A 98 -17.65 12.50 -9.72
CA GLU A 98 -17.12 12.06 -11.01
C GLU A 98 -17.97 12.55 -12.18
N LYS A 99 -19.26 12.84 -11.94
CA LYS A 99 -20.14 13.31 -12.99
C LYS A 99 -20.00 14.79 -13.27
N ALA A 100 -19.41 15.55 -12.34
CA ALA A 100 -19.24 16.99 -12.50
C ALA A 100 -17.82 17.38 -12.88
N ILE A 101 -16.82 16.63 -12.43
CA ILE A 101 -15.42 16.91 -12.72
C ILE A 101 -14.72 15.58 -13.03
N ASP A 102 -13.50 15.69 -13.54
CA ASP A 102 -12.67 14.54 -13.81
C ASP A 102 -11.63 14.39 -12.72
N PHE A 103 -11.38 13.16 -12.31
CA PHE A 103 -10.37 12.85 -11.30
C PHE A 103 -9.23 12.08 -11.94
N SER A 104 -8.02 12.36 -11.50
CA SER A 104 -6.91 11.48 -11.81
C SER A 104 -7.09 10.17 -11.07
N LYS A 105 -6.20 9.21 -11.34
CA LYS A 105 -6.18 8.01 -10.53
C LYS A 105 -5.72 8.38 -9.12
N PRO A 106 -6.14 7.61 -8.11
CA PRO A 106 -5.88 8.04 -6.73
C PRO A 106 -4.39 8.06 -6.41
N PHE A 107 -3.98 9.11 -5.71
CA PHE A 107 -2.61 9.21 -5.20
C PHE A 107 -2.53 8.78 -3.73
N MET A 108 -3.66 8.43 -3.12
CA MET A 108 -3.68 7.99 -1.74
C MET A 108 -5.01 7.27 -1.51
N THR A 109 -4.94 6.14 -0.80
CA THR A 109 -6.13 5.36 -0.47
C THR A 109 -6.44 5.57 1.01
N LEU A 110 -7.72 5.45 1.36
CA LEU A 110 -8.17 5.74 2.71
C LEU A 110 -9.54 5.11 2.92
N GLY A 111 -10.12 5.38 4.09
CA GLY A 111 -11.47 4.95 4.40
C GLY A 111 -12.00 5.72 5.58
N VAL A 112 -13.32 5.62 5.77
CA VAL A 112 -13.96 6.27 6.90
C VAL A 112 -13.66 5.47 8.17
N SER A 113 -13.46 6.20 9.27
CA SER A 113 -13.18 5.58 10.55
C SER A 113 -13.54 6.58 11.66
N ILE A 114 -13.22 6.20 12.90
CA ILE A 114 -13.68 6.90 14.10
C ILE A 114 -12.46 7.44 14.84
N LEU A 115 -12.57 8.70 15.29
CA LEU A 115 -11.58 9.31 16.18
C LEU A 115 -12.21 9.47 17.56
N TYR A 116 -11.50 9.00 18.59
CA TYR A 116 -12.03 9.00 19.95
C TYR A 116 -10.88 8.85 20.94
N ARG A 117 -11.19 8.95 22.23
CA ARG A 117 -10.16 8.89 23.25
C ARG A 117 -9.64 7.46 23.43
N LYS A 118 -8.47 7.35 24.06
CA LYS A 118 -7.63 6.16 23.94
C LYS A 118 -8.23 4.96 24.68
N GLY A 119 -8.45 5.10 25.99
CA GLY A 119 -8.82 4.00 26.85
C GLY A 119 -10.30 3.80 27.11
N THR A 120 -11.01 3.15 26.18
CA THR A 120 -12.45 2.97 26.33
C THR A 120 -12.91 1.62 25.78
N PRO A 121 -13.92 0.96 26.42
CA PRO A 121 -14.40 -0.35 25.91
C PRO A 121 -14.82 -0.31 24.45
N ILE A 122 -15.11 0.88 23.93
CA ILE A 122 -15.56 1.01 22.55
C ILE A 122 -14.47 0.51 21.62
N ASP A 123 -14.87 -0.22 20.59
CA ASP A 123 -13.92 -0.78 19.64
C ASP A 123 -14.47 -0.87 18.22
N SER A 124 -15.69 -0.44 17.96
CA SER A 124 -16.27 -0.52 16.62
C SER A 124 -17.41 0.48 16.53
N ALA A 125 -17.90 0.66 15.30
CA ALA A 125 -19.05 1.54 15.09
C ALA A 125 -20.30 0.96 15.71
N ASP A 126 -20.45 -0.38 15.68
CA ASP A 126 -21.57 -1.01 16.37
C ASP A 126 -21.58 -0.64 17.84
N ASP A 127 -20.43 -0.74 18.50
CA ASP A 127 -20.36 -0.37 19.92
C ASP A 127 -20.73 1.09 20.13
N LEU A 128 -20.46 1.95 19.14
CA LEU A 128 -20.81 3.35 19.26
C LEU A 128 -22.31 3.58 19.08
N ALA A 129 -22.95 2.77 18.23
CA ALA A 129 -24.38 2.95 17.96
C ALA A 129 -25.25 2.27 19.02
N LYS A 130 -24.74 1.26 19.71
CA LYS A 130 -25.53 0.54 20.71
C LYS A 130 -25.78 1.37 21.96
N GLN A 131 -24.96 2.37 22.23
CA GLN A 131 -25.05 3.17 23.45
C GLN A 131 -25.39 4.62 23.10
N THR A 132 -25.74 5.38 24.15
CA THR A 132 -26.08 6.79 24.01
C THR A 132 -25.21 7.70 24.86
N LYS A 133 -24.37 7.15 25.74
CA LYS A 133 -23.52 7.97 26.59
C LYS A 133 -22.58 8.85 25.76
N ILE A 134 -22.01 8.28 24.70
CA ILE A 134 -21.05 8.98 23.85
C ILE A 134 -21.79 9.54 22.64
N GLU A 135 -21.80 10.86 22.52
CA GLU A 135 -22.31 11.48 21.31
C GLU A 135 -21.30 11.30 20.17
N TYR A 136 -21.82 11.26 18.95
CA TYR A 136 -20.95 11.09 17.79
C TYR A 136 -21.57 11.80 16.58
N GLY A 137 -20.71 12.14 15.64
CA GLY A 137 -21.16 12.83 14.45
C GLY A 137 -20.08 12.88 13.40
N ALA A 138 -20.24 13.82 12.48
CA ALA A 138 -19.31 13.99 11.37
C ALA A 138 -19.39 15.43 10.88
N VAL A 139 -18.56 15.77 9.90
CA VAL A 139 -18.59 17.11 9.33
C VAL A 139 -19.86 17.28 8.52
N LYS A 140 -20.49 18.45 8.66
CA LYS A 140 -21.75 18.72 7.97
C LYS A 140 -21.53 18.73 6.46
N ASP A 141 -22.34 17.93 5.75
CA ASP A 141 -22.34 17.92 4.29
C ASP A 141 -20.96 17.59 3.74
N GLY A 142 -20.34 16.56 4.31
CA GLY A 142 -19.06 16.07 3.85
C GLY A 142 -19.18 14.68 3.23
N ALA A 143 -18.04 14.17 2.78
CA ALA A 143 -18.01 12.85 2.16
C ALA A 143 -18.40 11.76 3.16
N THR A 144 -17.96 11.89 4.40
CA THR A 144 -18.30 10.89 5.42
C THR A 144 -19.79 10.94 5.75
N MET A 145 -20.29 12.13 6.08
CA MET A 145 -21.72 12.28 6.34
C MET A 145 -22.53 11.74 5.18
N THR A 146 -22.13 12.06 3.95
CA THR A 146 -22.85 11.54 2.79
C THR A 146 -22.79 10.02 2.74
N PHE A 147 -21.66 9.43 3.15
CA PHE A 147 -21.58 7.98 3.22
C PHE A 147 -22.64 7.42 4.16
N PHE A 148 -22.76 8.01 5.36
CA PHE A 148 -23.75 7.53 6.31
C PHE A 148 -25.17 7.79 5.84
N LYS A 149 -25.38 8.90 5.12
CA LYS A 149 -26.72 9.27 4.68
C LYS A 149 -27.26 8.29 3.65
N LYS A 150 -26.40 7.78 2.77
CA LYS A 150 -26.80 6.90 1.70
C LYS A 150 -26.53 5.43 2.02
N SER A 151 -26.12 5.12 3.24
CA SER A 151 -25.82 3.74 3.61
C SER A 151 -27.09 2.94 3.82
N LYS A 152 -27.01 1.65 3.50
CA LYS A 152 -28.11 0.72 3.72
C LYS A 152 -27.77 -0.35 4.74
N ILE A 153 -26.62 -0.24 5.42
CA ILE A 153 -26.29 -1.13 6.52
C ILE A 153 -27.01 -0.64 7.77
N SER A 154 -27.50 -1.60 8.57
CA SER A 154 -28.31 -1.24 9.73
C SER A 154 -27.55 -0.30 10.66
N THR A 155 -26.33 -0.69 11.05
CA THR A 155 -25.56 0.14 11.97
C THR A 155 -25.42 1.57 11.46
N PHE A 156 -25.00 1.72 10.20
CA PHE A 156 -24.79 3.05 9.65
C PHE A 156 -26.10 3.80 9.48
N GLU A 157 -27.21 3.08 9.28
CA GLU A 157 -28.51 3.73 9.22
C GLU A 157 -28.91 4.28 10.58
N LYS A 158 -28.62 3.52 11.65
CA LYS A 158 -28.90 4.01 13.00
C LYS A 158 -28.02 5.19 13.35
N MET A 159 -26.72 5.11 13.03
CA MET A 159 -25.83 6.23 13.30
C MET A 159 -26.26 7.47 12.53
N TRP A 160 -26.67 7.30 11.26
CA TRP A 160 -27.17 8.43 10.50
C TRP A 160 -28.46 8.98 11.09
N ALA A 161 -29.32 8.12 11.61
CA ALA A 161 -30.51 8.59 12.30
C ALA A 161 -30.12 9.45 13.50
N PHE A 162 -29.08 9.05 14.23
CA PHE A 162 -28.62 9.82 15.37
C PHE A 162 -28.08 11.18 14.92
N MET A 163 -27.21 11.18 13.91
CA MET A 163 -26.65 12.44 13.42
C MET A 163 -27.74 13.39 12.92
N SER A 164 -28.76 12.85 12.26
CA SER A 164 -29.82 13.70 11.72
C SER A 164 -30.74 14.20 12.82
N SER A 165 -30.93 13.40 13.88
CA SER A 165 -31.81 13.83 14.96
C SER A 165 -31.18 14.93 15.80
N LYS A 166 -29.87 14.81 16.10
CA LYS A 166 -29.16 15.85 16.83
C LYS A 166 -28.48 16.79 15.84
N PRO A 167 -28.91 18.04 15.72
CA PRO A 167 -28.13 19.00 14.91
C PRO A 167 -26.76 19.31 15.50
N SER A 168 -26.59 19.15 16.82
CA SER A 168 -25.30 19.43 17.45
C SER A 168 -24.27 18.35 17.19
N ALA A 169 -24.70 17.17 16.74
CA ALA A 169 -23.75 16.09 16.46
C ALA A 169 -22.88 16.44 15.25
N LEU A 170 -23.47 17.08 14.24
CA LEU A 170 -22.73 17.45 13.04
C LEU A 170 -21.94 18.73 13.28
N VAL A 171 -20.65 18.70 12.96
CA VAL A 171 -19.76 19.81 13.18
C VAL A 171 -19.52 20.55 11.87
N LYS A 172 -18.87 21.71 11.96
CA LYS A 172 -18.67 22.55 10.78
C LYS A 172 -17.52 22.06 9.91
N ASN A 173 -16.41 21.64 10.52
CA ASN A 173 -15.25 21.20 9.75
C ASN A 173 -14.41 20.28 10.63
N ASN A 174 -13.34 19.73 10.03
CA ASN A 174 -12.49 18.81 10.76
C ASN A 174 -11.91 19.44 12.01
N GLU A 175 -11.57 20.73 11.94
CA GLU A 175 -10.99 21.41 13.09
C GLU A 175 -11.96 21.40 14.26
N GLU A 176 -13.19 21.87 14.02
CA GLU A 176 -14.20 21.88 15.09
C GLU A 176 -14.45 20.48 15.62
N GLY A 177 -14.45 19.48 14.74
CA GLY A 177 -14.71 18.11 15.18
C GLY A 177 -13.62 17.61 16.12
N ILE A 178 -12.36 17.82 15.73
CA ILE A 178 -11.25 17.42 16.59
C ILE A 178 -11.32 18.16 17.91
N GLN A 179 -11.61 19.46 17.86
CA GLN A 179 -11.80 20.23 19.09
C GLN A 179 -12.84 19.57 19.98
N ARG A 180 -13.95 19.12 19.39
CA ARG A 180 -15.02 18.49 20.16
C ARG A 180 -14.55 17.17 20.77
N THR A 181 -13.79 16.38 20.02
CA THR A 181 -13.27 15.14 20.58
C THR A 181 -12.34 15.41 21.74
N LEU A 182 -11.61 16.53 21.71
CA LEU A 182 -10.69 16.83 22.80
C LEU A 182 -11.40 17.42 24.01
N THR A 183 -12.51 18.13 23.81
CA THR A 183 -13.18 18.81 24.91
C THR A 183 -14.30 17.98 25.51
N ALA A 184 -15.18 17.43 24.68
CA ALA A 184 -16.36 16.71 25.13
C ALA A 184 -16.19 15.21 24.94
N ASP A 185 -17.15 14.46 25.49
CA ASP A 185 -17.21 13.01 25.30
C ASP A 185 -17.87 12.74 23.96
N TYR A 186 -17.06 12.84 22.90
CA TYR A 186 -17.56 12.86 21.54
C TYR A 186 -16.60 12.12 20.63
N ALA A 187 -17.15 11.27 19.77
CA ALA A 187 -16.40 10.56 18.75
C ALA A 187 -16.72 11.14 17.39
N LEU A 188 -15.69 11.29 16.54
CA LEU A 188 -15.83 11.95 15.26
C LEU A 188 -15.65 10.95 14.12
N LEU A 189 -16.66 10.83 13.27
CA LEU A 189 -16.57 10.02 12.06
C LEU A 189 -15.89 10.85 10.98
N MET A 190 -14.68 10.47 10.59
CA MET A 190 -13.94 11.22 9.57
C MET A 190 -13.08 10.24 8.78
N GLU A 191 -12.17 10.76 7.98
CA GLU A 191 -11.37 9.91 7.10
C GLU A 191 -10.08 9.48 7.79
N SER A 192 -9.65 8.26 7.48
CA SER A 192 -8.56 7.62 8.23
C SER A 192 -7.22 8.33 8.07
N THR A 193 -7.03 9.07 6.99
CA THR A 193 -5.77 9.81 6.83
C THR A 193 -5.62 10.87 7.91
N THR A 194 -6.62 11.76 8.01
CA THR A 194 -6.61 12.76 9.08
C THR A 194 -6.50 12.12 10.44
N ILE A 195 -7.25 11.03 10.67
CA ILE A 195 -7.18 10.34 11.96
C ILE A 195 -5.75 9.91 12.25
N GLU A 196 -5.08 9.32 11.26
CA GLU A 196 -3.70 8.89 11.45
C GLU A 196 -2.80 10.07 11.78
N TYR A 197 -3.02 11.21 11.11
CA TYR A 197 -2.21 12.39 11.38
C TYR A 197 -2.41 12.87 12.81
N ILE A 198 -3.65 12.84 13.31
CA ILE A 198 -3.95 13.38 14.63
C ILE A 198 -3.46 12.45 15.72
N THR A 199 -3.76 11.15 15.61
CA THR A 199 -3.43 10.23 16.69
C THR A 199 -1.93 10.10 16.93
N GLN A 200 -1.10 10.52 15.97
CA GLN A 200 0.33 10.54 16.16
C GLN A 200 0.84 11.83 16.77
N ARG A 201 0.01 12.87 16.81
CA ARG A 201 0.35 14.13 17.47
C ARG A 201 -0.36 14.32 18.80
N ASN A 202 -1.54 13.72 18.97
CA ASN A 202 -2.30 13.78 20.21
C ASN A 202 -2.38 12.37 20.79
N CYS A 203 -1.54 12.09 21.78
CA CYS A 203 -1.48 10.75 22.34
C CYS A 203 -2.67 10.43 23.24
N ASN A 204 -3.57 11.38 23.47
CA ASN A 204 -4.81 11.10 24.18
C ASN A 204 -5.92 10.68 23.25
N LEU A 205 -5.71 10.73 21.94
CA LEU A 205 -6.69 10.30 20.95
C LEU A 205 -6.18 9.05 20.23
N THR A 206 -7.11 8.38 19.55
CA THR A 206 -6.85 7.14 18.86
C THR A 206 -7.98 6.88 17.87
N GLN A 207 -7.74 5.93 16.97
CA GLN A 207 -8.73 5.45 16.04
C GLN A 207 -9.50 4.28 16.65
N ILE A 208 -10.82 4.30 16.48
CA ILE A 208 -11.68 3.23 16.97
C ILE A 208 -12.11 2.38 15.78
N GLY A 209 -11.82 1.08 15.86
CA GLY A 209 -12.15 0.18 14.78
C GLY A 209 -11.26 0.41 13.56
N GLY A 210 -11.66 -0.23 12.47
CA GLY A 210 -10.95 -0.12 11.21
C GLY A 210 -11.67 0.78 10.23
N LEU A 211 -11.41 0.55 8.94
CA LEU A 211 -12.01 1.33 7.88
C LEU A 211 -13.34 0.72 7.50
N ILE A 212 -14.42 1.50 7.63
CA ILE A 212 -15.75 1.00 7.28
C ILE A 212 -16.00 1.02 5.78
N ASP A 213 -15.20 1.76 5.01
CA ASP A 213 -15.29 1.73 3.55
C ASP A 213 -13.90 2.01 2.99
N SER A 214 -13.82 2.10 1.66
CA SER A 214 -12.56 2.29 0.96
C SER A 214 -12.75 3.29 -0.17
N LYS A 215 -11.88 4.29 -0.22
CA LYS A 215 -11.94 5.33 -1.24
C LYS A 215 -10.53 5.85 -1.46
N GLY A 216 -10.42 6.89 -2.28
CA GLY A 216 -9.12 7.48 -2.57
C GLY A 216 -9.22 8.96 -2.85
N TYR A 217 -8.08 9.64 -2.67
CA TYR A 217 -7.94 11.03 -3.05
C TYR A 217 -7.40 11.12 -4.47
N GLY A 218 -7.95 12.06 -5.24
CA GLY A 218 -7.48 12.28 -6.60
C GLY A 218 -7.36 13.75 -6.90
N ILE A 219 -6.54 14.06 -7.89
CA ILE A 219 -6.42 15.42 -8.41
C ILE A 219 -7.65 15.72 -9.24
N GLY A 220 -8.33 16.82 -8.91
CA GLY A 220 -9.52 17.22 -9.64
C GLY A 220 -9.20 18.17 -10.77
N THR A 221 -9.91 18.02 -11.87
CA THR A 221 -9.81 18.89 -13.02
C THR A 221 -11.20 19.05 -13.62
N PRO A 222 -11.43 20.12 -14.37
CA PRO A 222 -12.71 20.25 -15.09
C PRO A 222 -12.90 19.09 -16.04
N MET A 223 -14.17 18.75 -16.29
CA MET A 223 -14.47 17.64 -17.19
C MET A 223 -13.95 17.96 -18.58
N GLY A 224 -13.27 16.99 -19.19
CA GLY A 224 -12.65 17.23 -20.47
C GLY A 224 -11.33 17.95 -20.38
N SER A 225 -10.69 17.93 -19.21
CA SER A 225 -9.43 18.64 -19.05
C SER A 225 -8.32 17.92 -19.81
N PRO A 226 -7.42 18.65 -20.47
CA PRO A 226 -6.30 17.98 -21.16
C PRO A 226 -5.20 17.51 -20.22
N TYR A 227 -5.22 17.92 -18.95
CA TYR A 227 -4.17 17.59 -18.00
C TYR A 227 -4.47 16.34 -17.17
N ARG A 228 -5.69 15.81 -17.22
CA ARG A 228 -6.06 14.71 -16.33
C ARG A 228 -5.22 13.45 -16.60
N ASP A 229 -5.15 13.03 -17.86
CA ASP A 229 -4.42 11.81 -18.17
C ASP A 229 -2.93 11.96 -17.86
N LYS A 230 -2.35 13.11 -18.19
CA LYS A 230 -0.94 13.34 -17.86
C LYS A 230 -0.73 13.31 -16.35
N ILE A 231 -1.67 13.86 -15.58
CA ILE A 231 -1.52 13.84 -14.13
C ILE A 231 -1.63 12.41 -13.61
N THR A 232 -2.48 11.58 -14.22
CA THR A 232 -2.53 10.17 -13.86
C THR A 232 -1.18 9.51 -14.11
N ILE A 233 -0.61 9.74 -15.29
CA ILE A 233 0.70 9.15 -15.62
C ILE A 233 1.75 9.62 -14.60
N ALA A 234 1.71 10.90 -14.24
CA ALA A 234 2.66 11.41 -13.27
C ALA A 234 2.49 10.74 -11.91
N ILE A 235 1.24 10.54 -11.48
CA ILE A 235 1.00 9.89 -10.19
C ILE A 235 1.51 8.47 -10.21
N LEU A 236 1.26 7.74 -11.31
CA LEU A 236 1.81 6.39 -11.43
C LEU A 236 3.34 6.41 -11.37
N GLN A 237 3.96 7.39 -12.04
CA GLN A 237 5.41 7.53 -11.97
C GLN A 237 5.87 7.70 -10.54
N LEU A 238 5.21 8.60 -9.80
CA LEU A 238 5.58 8.82 -8.41
C LEU A 238 5.35 7.57 -7.56
N GLN A 239 4.36 6.75 -7.94
CA GLN A 239 4.15 5.48 -7.25
C GLN A 239 5.34 4.55 -7.47
N GLU A 240 5.70 4.29 -8.72
CA GLU A 240 6.81 3.38 -9.00
C GLU A 240 8.11 3.87 -8.37
N GLU A 241 8.30 5.19 -8.27
CA GLU A 241 9.48 5.76 -7.65
C GLU A 241 9.41 5.78 -6.13
N ASP A 242 8.31 5.31 -5.54
CA ASP A 242 8.15 5.24 -4.08
C ASP A 242 8.15 6.63 -3.44
N LYS A 243 7.73 7.65 -4.19
CA LYS A 243 7.75 9.01 -3.67
C LYS A 243 6.48 9.36 -2.89
N LEU A 244 5.34 8.77 -3.21
CA LEU A 244 4.15 8.99 -2.40
C LEU A 244 4.34 8.39 -1.00
N HIS A 245 5.02 7.26 -0.91
CA HIS A 245 5.38 6.69 0.38
C HIS A 245 6.27 7.65 1.17
N ILE A 246 7.28 8.20 0.50
CA ILE A 246 8.23 9.08 1.17
C ILE A 246 7.55 10.38 1.61
N MET A 247 6.61 10.88 0.80
CA MET A 247 5.89 12.10 1.17
C MET A 247 4.96 11.84 2.34
N LYS A 248 4.19 10.76 2.28
CA LYS A 248 3.36 10.36 3.42
C LYS A 248 4.21 10.29 4.68
N GLU A 249 5.34 9.59 4.62
CA GLU A 249 6.22 9.49 5.78
C GLU A 249 6.69 10.86 6.22
N LYS A 250 6.93 11.77 5.27
CA LYS A 250 7.42 13.10 5.61
C LYS A 250 6.39 13.89 6.40
N TRP A 251 5.14 13.87 5.96
CA TRP A 251 4.12 14.75 6.54
C TRP A 251 3.27 14.08 7.60
N TRP A 252 3.41 12.78 7.83
CA TRP A 252 2.68 12.10 8.88
C TRP A 252 3.57 11.73 10.06
N ARG A 253 4.83 12.18 10.07
CA ARG A 253 5.64 12.07 11.27
C ARG A 253 4.95 12.73 12.45
N GLY A 254 4.97 12.04 13.59
CA GLY A 254 4.45 12.57 14.83
C GLY A 254 5.56 12.85 15.82
N SER A 255 5.30 13.74 16.77
CA SER A 255 6.19 13.81 17.93
C SER A 255 6.44 12.42 18.49
N GLY A 256 5.45 11.54 18.40
CA GLY A 256 5.54 10.13 18.77
C GLY A 256 4.64 9.81 19.94
N CYS A 257 3.80 8.79 19.75
CA CYS A 257 2.99 8.23 20.82
C CYS A 257 3.34 6.76 21.03
N ASN B 5 36.46 -3.45 0.65
CA ASN B 5 37.62 -3.98 -0.08
C ASN B 5 37.83 -5.45 0.27
N ARG B 6 36.81 -6.26 0.04
CA ARG B 6 36.85 -7.69 0.37
C ARG B 6 35.60 -8.34 -0.23
N SER B 7 35.61 -9.67 -0.25
CA SER B 7 34.48 -10.42 -0.79
C SER B 7 33.20 -10.08 -0.02
N LEU B 8 32.07 -10.18 -0.73
CA LEU B 8 30.77 -9.87 -0.16
C LEU B 8 30.08 -11.14 0.33
N ILE B 9 29.40 -11.02 1.46
CA ILE B 9 28.59 -12.10 2.00
C ILE B 9 27.19 -11.98 1.41
N VAL B 10 26.80 -12.98 0.62
CA VAL B 10 25.50 -12.99 -0.06
C VAL B 10 24.62 -14.00 0.64
N THR B 11 23.59 -13.53 1.34
CA THR B 11 22.62 -14.42 1.98
C THR B 11 21.47 -14.69 1.02
N THR B 12 21.02 -15.94 0.99
CA THR B 12 19.91 -16.33 0.14
C THR B 12 19.20 -17.52 0.78
N LEU B 13 18.29 -18.14 0.04
CA LEU B 13 17.41 -19.15 0.60
C LEU B 13 16.98 -20.11 -0.51
N LEU B 14 16.89 -21.39 -0.18
CA LEU B 14 16.48 -22.40 -1.15
C LEU B 14 15.03 -22.17 -1.56
N GLU B 15 14.83 -21.94 -2.86
CA GLU B 15 13.50 -21.62 -3.38
C GLU B 15 13.51 -21.88 -4.88
N GLU B 16 12.75 -22.87 -5.33
CA GLU B 16 12.70 -23.20 -6.75
C GLU B 16 11.85 -22.18 -7.52
N PRO B 17 12.31 -21.75 -8.71
CA PRO B 17 13.56 -22.05 -9.40
C PRO B 17 14.64 -20.99 -9.17
N PHE B 18 14.59 -20.28 -8.04
CA PHE B 18 15.52 -19.18 -7.81
C PHE B 18 16.87 -19.69 -7.31
N VAL B 19 16.88 -20.45 -6.23
CA VAL B 19 18.10 -20.98 -5.64
C VAL B 19 17.86 -22.45 -5.31
N MET B 20 18.71 -23.32 -5.84
CA MET B 20 18.54 -24.75 -5.68
C MET B 20 19.91 -25.40 -5.57
N PHE B 21 19.94 -26.59 -4.97
CA PHE B 21 21.14 -27.40 -4.94
C PHE B 21 21.38 -28.03 -6.30
N ARG B 22 22.57 -27.82 -6.84
CA ARG B 22 22.92 -28.38 -8.13
C ARG B 22 22.98 -29.89 -8.03
N LYS B 23 22.56 -30.57 -9.10
CA LYS B 23 22.58 -32.03 -9.17
C LYS B 23 23.89 -32.49 -9.79
N SER B 24 24.60 -33.37 -9.09
CA SER B 24 25.90 -33.83 -9.57
C SER B 24 26.28 -35.10 -8.83
N ASP B 25 27.04 -35.96 -9.51
CA ASP B 25 27.57 -37.16 -8.86
C ASP B 25 28.71 -36.82 -7.92
N ARG B 26 29.45 -35.76 -8.22
CA ARG B 26 30.56 -35.33 -7.38
C ARG B 26 30.06 -34.44 -6.25
N THR B 27 30.74 -34.54 -5.10
CA THR B 27 30.39 -33.72 -3.95
C THR B 27 30.80 -32.28 -4.22
N LEU B 28 29.82 -31.40 -4.39
CA LEU B 28 30.07 -29.99 -4.62
C LEU B 28 30.15 -29.23 -3.30
N TYR B 29 30.99 -28.19 -3.28
CA TYR B 29 31.17 -27.34 -2.12
C TYR B 29 31.05 -25.89 -2.54
N GLY B 30 30.79 -25.02 -1.57
CA GLY B 30 30.79 -23.59 -1.81
C GLY B 30 29.70 -23.16 -2.78
N ASN B 31 29.94 -22.01 -3.40
CA ASN B 31 28.97 -21.44 -4.34
C ASN B 31 28.64 -22.41 -5.47
N ASP B 32 29.57 -23.31 -5.81
CA ASP B 32 29.33 -24.29 -6.86
C ASP B 32 28.16 -25.21 -6.55
N ARG B 33 27.66 -25.21 -5.30
CA ARG B 33 26.54 -26.06 -4.94
C ARG B 33 25.23 -25.57 -5.54
N PHE B 34 25.11 -24.26 -5.76
CA PHE B 34 23.83 -23.64 -6.03
C PHE B 34 23.63 -23.39 -7.52
N GLU B 35 22.36 -23.39 -7.94
CA GLU B 35 21.97 -23.03 -9.28
C GLU B 35 20.59 -22.39 -9.22
N GLY B 36 20.21 -21.71 -10.29
CA GLY B 36 18.90 -21.11 -10.40
C GLY B 36 18.95 -19.68 -10.91
N TYR B 37 17.77 -19.10 -11.04
CA TYR B 37 17.65 -17.75 -11.59
C TYR B 37 18.50 -16.75 -10.81
N CYS B 38 18.37 -16.75 -9.48
CA CYS B 38 19.11 -15.78 -8.68
C CYS B 38 20.60 -16.06 -8.65
N ILE B 39 21.02 -17.30 -8.93
CA ILE B 39 22.44 -17.60 -9.05
C ILE B 39 23.01 -16.99 -10.32
N ASP B 40 22.30 -17.16 -11.44
CA ASP B 40 22.69 -16.49 -12.67
C ASP B 40 22.69 -14.98 -12.49
N LEU B 41 21.66 -14.44 -11.84
CA LEU B 41 21.61 -13.00 -11.57
C LEU B 41 22.83 -12.57 -10.77
N LEU B 42 23.17 -13.33 -9.73
CA LEU B 42 24.33 -12.99 -8.91
C LEU B 42 25.61 -13.01 -9.73
N LYS B 43 25.74 -13.98 -10.64
CA LYS B 43 26.93 -14.05 -11.49
C LYS B 43 27.03 -12.83 -12.39
N GLU B 44 25.91 -12.46 -13.02
CA GLU B 44 25.91 -11.28 -13.88
C GLU B 44 26.26 -10.02 -13.10
N LEU B 45 25.59 -9.81 -11.96
CA LEU B 45 25.87 -8.65 -11.13
C LEU B 45 27.33 -8.62 -10.70
N ALA B 46 27.86 -9.76 -10.27
CA ALA B 46 29.26 -9.82 -9.85
C ALA B 46 30.20 -9.50 -11.00
N HIS B 47 29.83 -9.89 -12.22
CA HIS B 47 30.66 -9.57 -13.38
C HIS B 47 30.62 -8.08 -13.70
N ILE B 48 29.43 -7.47 -13.66
CA ILE B 48 29.33 -6.06 -13.99
C ILE B 48 30.02 -5.20 -12.93
N LEU B 49 29.74 -5.48 -11.66
CA LEU B 49 30.27 -4.68 -10.57
C LEU B 49 31.69 -5.07 -10.18
N GLY B 50 32.15 -6.27 -10.56
CA GLY B 50 33.49 -6.70 -10.28
C GLY B 50 33.78 -6.98 -8.82
N PHE B 51 33.04 -7.92 -8.23
CA PHE B 51 33.27 -8.34 -6.86
C PHE B 51 33.13 -9.85 -6.75
N SER B 52 33.83 -10.44 -5.80
CA SER B 52 33.66 -11.84 -5.45
C SER B 52 32.76 -11.94 -4.22
N TYR B 53 32.21 -13.13 -4.00
CA TYR B 53 31.17 -13.31 -2.99
C TYR B 53 31.20 -14.72 -2.44
N GLU B 54 30.49 -14.91 -1.33
CA GLU B 54 30.26 -16.23 -0.74
C GLU B 54 28.78 -16.35 -0.40
N ILE B 55 28.16 -17.45 -0.83
CA ILE B 55 26.73 -17.64 -0.67
C ILE B 55 26.48 -18.38 0.65
N ARG B 56 25.55 -17.86 1.44
CA ARG B 56 25.16 -18.46 2.72
C ARG B 56 23.64 -18.54 2.80
N LEU B 57 23.15 -19.66 3.30
CA LEU B 57 21.72 -19.87 3.50
C LEU B 57 21.28 -19.32 4.86
N VAL B 58 20.07 -18.75 4.90
CA VAL B 58 19.55 -18.19 6.13
C VAL B 58 19.35 -19.30 7.15
N GLU B 59 19.71 -19.02 8.40
CA GLU B 59 19.56 -20.02 9.46
C GLU B 59 18.09 -20.43 9.62
N ASP B 60 17.22 -19.48 9.93
CA ASP B 60 15.82 -19.79 10.18
C ASP B 60 15.04 -20.09 8.91
N GLY B 61 15.66 -19.98 7.74
CA GLY B 61 14.99 -20.32 6.49
C GLY B 61 13.77 -19.49 6.20
N LYS B 62 13.71 -18.26 6.70
CA LYS B 62 12.57 -17.38 6.48
C LYS B 62 13.02 -16.09 5.81
N TYR B 63 12.08 -15.42 5.16
CA TYR B 63 12.41 -14.23 4.39
C TYR B 63 12.44 -12.98 5.27
N GLY B 64 11.44 -12.81 6.13
CA GLY B 64 11.44 -11.69 7.05
C GLY B 64 10.07 -11.18 7.45
N ALA B 65 9.81 -11.14 8.75
CA ALA B 65 8.57 -10.62 9.28
C ALA B 65 8.81 -10.03 10.67
N GLN B 66 7.92 -9.14 11.08
CA GLN B 66 8.00 -8.47 12.38
C GLN B 66 7.06 -9.12 13.38
N ASP B 67 7.54 -9.28 14.61
CA ASP B 67 6.72 -9.83 15.68
C ASP B 67 5.99 -8.68 16.38
N ASP B 68 5.52 -8.90 17.61
CA ASP B 68 4.78 -7.87 18.32
C ASP B 68 5.69 -6.69 18.66
N LYS B 69 6.90 -6.96 19.13
CA LYS B 69 7.80 -5.91 19.59
C LYS B 69 8.59 -5.26 18.46
N GLY B 70 8.39 -5.68 17.21
CA GLY B 70 9.06 -5.07 16.09
C GLY B 70 10.36 -5.72 15.68
N GLN B 71 10.73 -6.85 16.27
CA GLN B 71 11.96 -7.53 15.91
C GLN B 71 11.77 -8.31 14.61
N TRP B 72 12.80 -8.28 13.77
CA TRP B 72 12.78 -8.93 12.48
C TRP B 72 13.42 -10.31 12.56
N ASN B 73 13.17 -11.12 11.52
CA ASN B 73 13.81 -12.41 11.34
C ASN B 73 14.17 -12.58 9.88
N GLY B 74 14.71 -13.75 9.53
CA GLY B 74 14.97 -14.08 8.15
C GLY B 74 16.06 -13.21 7.52
N MET B 75 16.02 -13.16 6.18
CA MET B 75 17.02 -12.38 5.44
C MET B 75 17.00 -10.93 5.87
N VAL B 76 15.81 -10.38 6.10
CA VAL B 76 15.72 -8.98 6.53
C VAL B 76 16.54 -8.78 7.79
N LYS B 77 16.39 -9.67 8.76
CA LYS B 77 17.18 -9.56 9.98
C LYS B 77 18.66 -9.74 9.69
N GLU B 78 19.01 -10.66 8.79
CA GLU B 78 20.41 -10.83 8.41
C GLU B 78 21.01 -9.51 7.92
N LEU B 79 20.25 -8.76 7.12
CA LEU B 79 20.74 -7.46 6.63
C LEU B 79 20.78 -6.43 7.74
N ILE B 80 19.74 -6.38 8.58
CA ILE B 80 19.68 -5.40 9.66
C ILE B 80 20.91 -5.52 10.55
N ASP B 81 21.22 -6.73 10.99
CA ASP B 81 22.37 -6.98 11.85
C ASP B 81 23.70 -6.94 11.09
N HIS B 82 23.68 -6.60 9.80
CA HIS B 82 24.90 -6.50 8.99
C HIS B 82 25.63 -7.83 8.94
N LYS B 83 24.89 -8.94 8.99
CA LYS B 83 25.47 -10.27 8.83
C LYS B 83 25.70 -10.64 7.38
N ALA B 84 25.12 -9.88 6.44
CA ALA B 84 25.31 -10.14 5.02
C ALA B 84 25.29 -8.82 4.28
N ASP B 85 26.10 -8.72 3.22
CA ASP B 85 26.13 -7.50 2.43
C ASP B 85 24.97 -7.42 1.46
N LEU B 86 24.59 -8.53 0.86
CA LEU B 86 23.53 -8.58 -0.14
C LEU B 86 22.59 -9.73 0.15
N ALA B 87 21.30 -9.49 -0.06
CA ALA B 87 20.28 -10.55 -0.04
C ALA B 87 19.86 -10.77 -1.50
N VAL B 88 20.42 -11.81 -2.11
CA VAL B 88 20.12 -12.16 -3.49
C VAL B 88 19.13 -13.31 -3.43
N ALA B 89 17.86 -12.99 -3.62
CA ALA B 89 16.78 -13.95 -3.47
C ALA B 89 15.49 -13.31 -3.99
N PRO B 90 14.42 -14.07 -4.17
CA PRO B 90 13.14 -13.43 -4.49
C PRO B 90 12.59 -12.66 -3.29
N LEU B 91 13.30 -11.61 -2.86
CA LEU B 91 12.92 -10.83 -1.69
C LEU B 91 11.95 -9.74 -2.14
N THR B 92 10.70 -9.86 -1.70
CA THR B 92 9.66 -8.95 -2.16
C THR B 92 9.88 -7.55 -1.60
N ILE B 93 9.80 -6.55 -2.48
CA ILE B 93 9.92 -5.15 -2.06
C ILE B 93 8.59 -4.72 -1.47
N THR B 94 8.60 -4.37 -0.18
CA THR B 94 7.40 -3.91 0.51
C THR B 94 7.72 -2.64 1.28
N HIS B 95 6.76 -1.73 1.34
CA HIS B 95 6.95 -0.48 2.08
C HIS B 95 7.29 -0.75 3.54
N VAL B 96 6.81 -1.86 4.09
CA VAL B 96 7.12 -2.22 5.47
C VAL B 96 8.61 -2.51 5.61
N ARG B 97 9.18 -3.24 4.66
CA ARG B 97 10.59 -3.61 4.73
C ARG B 97 11.50 -2.43 4.37
N GLU B 98 11.03 -1.51 3.52
CA GLU B 98 11.86 -0.39 3.10
C GLU B 98 12.33 0.43 4.29
N LYS B 99 11.60 0.43 5.40
CA LYS B 99 12.02 1.20 6.56
C LYS B 99 13.10 0.49 7.38
N ALA B 100 13.34 -0.80 7.14
CA ALA B 100 14.36 -1.55 7.85
C ALA B 100 15.58 -1.86 7.00
N ILE B 101 15.42 -2.06 5.70
CA ILE B 101 16.52 -2.35 4.79
C ILE B 101 16.31 -1.57 3.50
N ASP B 102 17.34 -1.55 2.67
CA ASP B 102 17.28 -0.91 1.36
C ASP B 102 17.13 -1.95 0.26
N PHE B 103 16.32 -1.63 -0.74
CA PHE B 103 16.10 -2.47 -1.90
C PHE B 103 16.65 -1.80 -3.15
N SER B 104 17.24 -2.59 -4.04
CA SER B 104 17.53 -2.12 -5.38
C SER B 104 16.23 -1.95 -6.15
N LYS B 105 16.33 -1.46 -7.37
CA LYS B 105 15.18 -1.47 -8.25
C LYS B 105 14.81 -2.91 -8.60
N PRO B 106 13.54 -3.19 -8.86
CA PRO B 106 13.12 -4.59 -9.04
C PRO B 106 13.73 -5.20 -10.29
N PHE B 107 14.15 -6.46 -10.17
CA PHE B 107 14.59 -7.25 -11.30
C PHE B 107 13.50 -8.18 -11.83
N MET B 108 12.35 -8.23 -11.17
CA MET B 108 11.24 -9.06 -11.59
C MET B 108 9.98 -8.55 -10.91
N THR B 109 8.87 -8.48 -11.65
CA THR B 109 7.61 -8.04 -11.11
C THR B 109 6.67 -9.22 -10.88
N LEU B 110 5.77 -9.05 -9.92
CA LEU B 110 4.88 -10.13 -9.50
C LEU B 110 3.69 -9.53 -8.76
N GLY B 111 2.86 -10.41 -8.23
CA GLY B 111 1.74 -10.02 -7.40
C GLY B 111 1.22 -11.22 -6.63
N VAL B 112 0.42 -10.93 -5.61
CA VAL B 112 -0.21 -11.98 -4.83
C VAL B 112 -1.38 -12.55 -5.63
N SER B 113 -1.55 -13.87 -5.55
CA SER B 113 -2.63 -14.55 -6.24
C SER B 113 -2.85 -15.89 -5.55
N ILE B 114 -3.72 -16.71 -6.12
CA ILE B 114 -4.20 -17.94 -5.51
C ILE B 114 -3.77 -19.13 -6.36
N LEU B 115 -3.28 -20.16 -5.69
CA LEU B 115 -2.99 -21.45 -6.31
C LEU B 115 -4.01 -22.45 -5.79
N TYR B 116 -4.65 -23.18 -6.70
CA TYR B 116 -5.71 -24.10 -6.29
C TYR B 116 -5.92 -25.14 -7.38
N ARG B 117 -6.77 -26.12 -7.08
CA ARG B 117 -7.08 -27.17 -8.03
C ARG B 117 -7.78 -26.63 -9.26
N LYS B 118 -7.52 -27.27 -10.39
CA LYS B 118 -8.29 -27.03 -11.60
C LYS B 118 -9.71 -27.54 -11.45
N GLY B 119 -10.54 -27.20 -12.44
CA GLY B 119 -11.95 -27.53 -12.42
C GLY B 119 -12.66 -27.38 -11.09
N THR B 120 -12.90 -26.13 -10.68
CA THR B 120 -13.62 -25.83 -9.45
C THR B 120 -14.34 -24.52 -9.73
N PRO B 121 -15.59 -24.37 -9.28
CA PRO B 121 -16.29 -23.10 -9.54
C PRO B 121 -15.59 -21.87 -9.00
N ILE B 122 -14.66 -22.03 -8.06
CA ILE B 122 -14.03 -20.86 -7.45
C ILE B 122 -13.26 -20.07 -8.50
N ASP B 123 -13.30 -18.74 -8.38
CA ASP B 123 -12.65 -17.87 -9.36
C ASP B 123 -12.08 -16.59 -8.78
N SER B 124 -12.15 -16.36 -7.47
CA SER B 124 -11.63 -15.13 -6.89
C SER B 124 -11.37 -15.36 -5.39
N ALA B 125 -10.69 -14.38 -4.78
CA ALA B 125 -10.40 -14.46 -3.36
C ALA B 125 -11.67 -14.27 -2.51
N ASP B 126 -12.58 -13.43 -2.98
CA ASP B 126 -13.83 -13.24 -2.24
C ASP B 126 -14.58 -14.55 -2.10
N ASP B 127 -14.48 -15.44 -3.09
CA ASP B 127 -15.08 -16.77 -2.97
C ASP B 127 -14.47 -17.54 -1.80
N LEU B 128 -13.17 -17.36 -1.56
CA LEU B 128 -12.54 -17.98 -0.39
C LEU B 128 -13.02 -17.34 0.90
N ALA B 129 -13.20 -16.01 0.90
CA ALA B 129 -13.60 -15.33 2.12
C ALA B 129 -15.05 -15.59 2.48
N LYS B 130 -15.91 -15.80 1.48
CA LYS B 130 -17.35 -15.94 1.73
C LYS B 130 -17.74 -17.35 2.17
N GLN B 131 -16.80 -18.29 2.25
CA GLN B 131 -17.09 -19.63 2.72
C GLN B 131 -15.96 -20.11 3.61
N THR B 132 -16.20 -21.21 4.33
CA THR B 132 -15.23 -21.76 5.25
C THR B 132 -14.93 -23.23 5.02
N LYS B 133 -15.59 -23.88 4.06
CA LYS B 133 -15.32 -25.29 3.81
C LYS B 133 -13.93 -25.49 3.22
N ILE B 134 -13.50 -24.61 2.32
CA ILE B 134 -12.21 -24.72 1.68
C ILE B 134 -11.22 -23.87 2.47
N GLU B 135 -10.22 -24.53 3.07
CA GLU B 135 -9.22 -23.83 3.86
C GLU B 135 -8.24 -23.11 2.94
N TYR B 136 -7.68 -22.01 3.45
CA TYR B 136 -6.70 -21.25 2.70
C TYR B 136 -5.70 -20.62 3.66
N GLY B 137 -4.52 -20.34 3.15
CA GLY B 137 -3.48 -19.76 3.97
C GLY B 137 -2.35 -19.21 3.14
N ALA B 138 -1.21 -19.02 3.79
CA ALA B 138 -0.03 -18.45 3.14
C ALA B 138 1.21 -18.90 3.89
N VAL B 139 2.37 -18.50 3.38
CA VAL B 139 3.64 -18.85 4.01
C VAL B 139 3.80 -18.09 5.32
N LYS B 140 4.46 -18.74 6.28
CA LYS B 140 4.71 -18.12 7.58
C LYS B 140 5.74 -17.00 7.46
N ASP B 141 5.44 -15.86 8.07
CA ASP B 141 6.38 -14.74 8.17
C ASP B 141 6.94 -14.35 6.80
N GLY B 142 6.05 -14.27 5.81
CA GLY B 142 6.38 -13.83 4.48
C GLY B 142 5.72 -12.51 4.12
N ALA B 143 6.01 -12.08 2.89
CA ALA B 143 5.41 -10.84 2.39
C ALA B 143 3.89 -10.99 2.26
N THR B 144 3.42 -12.17 1.86
CA THR B 144 1.99 -12.40 1.73
C THR B 144 1.30 -12.38 3.09
N MET B 145 1.83 -13.15 4.05
CA MET B 145 1.28 -13.16 5.39
C MET B 145 1.20 -11.75 5.95
N THR B 146 2.26 -10.96 5.79
CA THR B 146 2.24 -9.57 6.26
C THR B 146 1.18 -8.77 5.50
N PHE B 147 1.01 -9.06 4.21
CA PHE B 147 0.00 -8.36 3.43
C PHE B 147 -1.39 -8.56 4.01
N PHE B 148 -1.77 -9.81 4.25
CA PHE B 148 -3.10 -10.07 4.80
C PHE B 148 -3.21 -9.59 6.25
N LYS B 149 -2.12 -9.70 7.02
CA LYS B 149 -2.17 -9.34 8.43
C LYS B 149 -2.36 -7.83 8.61
N LYS B 150 -1.70 -7.04 7.77
CA LYS B 150 -1.74 -5.59 7.88
C LYS B 150 -2.71 -4.95 6.88
N SER B 151 -3.50 -5.74 6.18
CA SER B 151 -4.42 -5.20 5.19
C SER B 151 -5.60 -4.54 5.89
N LYS B 152 -5.99 -3.37 5.39
CA LYS B 152 -7.14 -2.64 5.89
C LYS B 152 -8.38 -2.85 5.03
N ILE B 153 -8.28 -3.68 4.00
CA ILE B 153 -9.43 -4.03 3.17
C ILE B 153 -10.27 -5.07 3.90
N SER B 154 -11.59 -4.94 3.82
CA SER B 154 -12.48 -5.81 4.58
C SER B 154 -12.25 -7.28 4.23
N THR B 155 -12.30 -7.61 2.93
CA THR B 155 -12.14 -9.00 2.52
C THR B 155 -10.85 -9.60 3.06
N PHE B 156 -9.73 -8.90 2.87
CA PHE B 156 -8.44 -9.42 3.31
C PHE B 156 -8.34 -9.45 4.82
N GLU B 157 -9.08 -8.59 5.52
CA GLU B 157 -9.11 -8.65 6.97
C GLU B 157 -9.84 -9.90 7.45
N LYS B 158 -10.98 -10.23 6.83
CA LYS B 158 -11.66 -11.47 7.15
C LYS B 158 -10.80 -12.68 6.82
N MET B 159 -10.17 -12.67 5.65
CA MET B 159 -9.29 -13.77 5.28
C MET B 159 -8.14 -13.92 6.26
N TRP B 160 -7.59 -12.79 6.73
CA TRP B 160 -6.54 -12.88 7.74
C TRP B 160 -7.09 -13.46 9.04
N ALA B 161 -8.33 -13.12 9.40
CA ALA B 161 -8.94 -13.74 10.57
C ALA B 161 -9.03 -15.25 10.40
N PHE B 162 -9.39 -15.71 9.20
CA PHE B 162 -9.48 -17.15 8.96
C PHE B 162 -8.11 -17.81 9.03
N MET B 163 -7.12 -17.25 8.34
CA MET B 163 -5.78 -17.81 8.35
C MET B 163 -5.21 -17.85 9.77
N SER B 164 -5.46 -16.79 10.55
CA SER B 164 -4.93 -16.72 11.91
C SER B 164 -5.67 -17.65 12.85
N SER B 165 -6.94 -17.94 12.57
CA SER B 165 -7.72 -18.81 13.44
C SER B 165 -7.23 -20.25 13.34
N LYS B 166 -6.88 -20.69 12.13
CA LYS B 166 -6.37 -22.04 11.92
C LYS B 166 -4.86 -22.02 12.01
N PRO B 167 -4.24 -22.63 13.02
CA PRO B 167 -2.76 -22.68 13.03
C PRO B 167 -2.18 -23.49 11.89
N SER B 168 -2.92 -24.46 11.35
CA SER B 168 -2.46 -25.25 10.22
C SER B 168 -2.55 -24.52 8.89
N ALA B 169 -3.30 -23.41 8.82
CA ALA B 169 -3.45 -22.71 7.55
C ALA B 169 -2.15 -22.09 7.09
N LEU B 170 -1.37 -21.51 8.01
CA LEU B 170 -0.09 -20.94 7.65
C LEU B 170 0.96 -22.04 7.57
N VAL B 171 1.65 -22.12 6.44
CA VAL B 171 2.60 -23.18 6.20
C VAL B 171 4.01 -22.66 6.43
N LYS B 172 4.98 -23.57 6.44
CA LYS B 172 6.36 -23.18 6.72
C LYS B 172 7.02 -22.55 5.50
N ASN B 173 6.71 -23.06 4.31
CA ASN B 173 7.31 -22.55 3.07
C ASN B 173 6.40 -22.92 1.92
N ASN B 174 6.77 -22.46 0.72
CA ASN B 174 5.98 -22.75 -0.48
C ASN B 174 5.81 -24.25 -0.68
N GLU B 175 6.85 -25.04 -0.36
CA GLU B 175 6.79 -26.48 -0.56
C GLU B 175 5.60 -27.08 0.19
N GLU B 176 5.55 -26.89 1.51
CA GLU B 176 4.45 -27.43 2.30
C GLU B 176 3.11 -26.91 1.80
N GLY B 177 3.06 -25.66 1.31
CA GLY B 177 1.82 -25.13 0.79
C GLY B 177 1.36 -25.86 -0.45
N ILE B 178 2.28 -26.09 -1.39
CA ILE B 178 1.94 -26.81 -2.61
C ILE B 178 1.49 -28.23 -2.30
N GLN B 179 2.24 -28.93 -1.45
CA GLN B 179 1.82 -30.27 -1.03
C GLN B 179 0.43 -30.23 -0.40
N ARG B 180 0.17 -29.22 0.43
CA ARG B 180 -1.14 -29.14 1.09
C ARG B 180 -2.24 -28.91 0.06
N THR B 181 -1.97 -28.09 -0.96
CA THR B 181 -2.93 -27.91 -2.05
C THR B 181 -3.16 -29.22 -2.81
N LEU B 182 -2.13 -30.06 -2.91
CA LEU B 182 -2.26 -31.31 -3.65
C LEU B 182 -2.98 -32.39 -2.85
N THR B 183 -2.84 -32.39 -1.53
CA THR B 183 -3.41 -33.44 -0.68
C THR B 183 -4.77 -33.07 -0.12
N ALA B 184 -4.92 -31.88 0.44
CA ALA B 184 -6.14 -31.47 1.11
C ALA B 184 -6.92 -30.49 0.24
N ASP B 185 -8.14 -30.17 0.69
CA ASP B 185 -8.98 -29.17 0.05
C ASP B 185 -8.54 -27.80 0.54
N TYR B 186 -7.47 -27.30 -0.09
CA TYR B 186 -6.76 -26.12 0.41
C TYR B 186 -6.27 -25.27 -0.75
N ALA B 187 -6.51 -23.97 -0.65
CA ALA B 187 -6.01 -22.99 -1.62
C ALA B 187 -4.89 -22.19 -0.98
N LEU B 188 -3.85 -21.90 -1.75
CA LEU B 188 -2.65 -21.26 -1.23
C LEU B 188 -2.52 -19.85 -1.79
N LEU B 189 -2.49 -18.85 -0.91
CA LEU B 189 -2.21 -17.48 -1.31
C LEU B 189 -0.69 -17.34 -1.41
N MET B 190 -0.19 -17.13 -2.62
CA MET B 190 1.25 -17.03 -2.82
C MET B 190 1.50 -16.06 -3.97
N GLU B 191 2.74 -15.99 -4.41
CA GLU B 191 3.14 -15.02 -5.43
C GLU B 191 3.07 -15.63 -6.83
N SER B 192 2.73 -14.77 -7.80
CA SER B 192 2.39 -15.24 -9.13
C SER B 192 3.56 -15.91 -9.84
N THR B 193 4.80 -15.56 -9.48
CA THR B 193 5.95 -16.20 -10.10
C THR B 193 6.02 -17.68 -9.76
N THR B 194 5.98 -18.00 -8.46
CA THR B 194 5.95 -19.40 -8.06
C THR B 194 4.78 -20.13 -8.71
N ILE B 195 3.61 -19.49 -8.72
CA ILE B 195 2.44 -20.12 -9.34
C ILE B 195 2.74 -20.46 -10.79
N GLU B 196 3.34 -19.52 -11.52
CA GLU B 196 3.67 -19.78 -12.91
C GLU B 196 4.63 -20.95 -13.03
N TYR B 197 5.61 -21.03 -12.13
CA TYR B 197 6.56 -22.14 -12.20
C TYR B 197 5.86 -23.47 -11.95
N ILE B 198 4.89 -23.50 -11.04
CA ILE B 198 4.24 -24.75 -10.66
C ILE B 198 3.25 -25.20 -11.72
N THR B 199 2.36 -24.28 -12.14
CA THR B 199 1.28 -24.66 -13.05
C THR B 199 1.77 -25.14 -14.40
N GLN B 200 3.02 -24.81 -14.77
CA GLN B 200 3.60 -25.34 -15.99
C GLN B 200 4.24 -26.72 -15.79
N ARG B 201 4.46 -27.12 -14.53
CA ARG B 201 4.97 -28.45 -14.22
C ARG B 201 3.91 -29.38 -13.64
N ASN B 202 2.86 -28.85 -13.03
CA ASN B 202 1.78 -29.63 -12.45
C ASN B 202 0.48 -29.21 -13.13
N CYS B 203 -0.03 -30.06 -14.03
CA CYS B 203 -1.17 -29.71 -14.86
C CYS B 203 -2.50 -29.82 -14.14
N ASN B 204 -2.52 -30.34 -12.91
CA ASN B 204 -3.76 -30.40 -12.15
C ASN B 204 -3.97 -29.17 -11.26
N LEU B 205 -2.98 -28.31 -11.15
CA LEU B 205 -3.09 -27.06 -10.39
C LEU B 205 -3.21 -25.90 -11.35
N THR B 206 -3.66 -24.77 -10.81
CA THR B 206 -3.84 -23.57 -11.63
C THR B 206 -3.94 -22.35 -10.73
N GLN B 207 -3.84 -21.20 -11.37
CA GLN B 207 -4.02 -19.92 -10.70
C GLN B 207 -5.50 -19.54 -10.74
N ILE B 208 -6.00 -19.08 -9.60
CA ILE B 208 -7.38 -18.64 -9.47
C ILE B 208 -7.36 -17.11 -9.43
N GLY B 209 -8.11 -16.50 -10.35
CA GLY B 209 -8.15 -15.05 -10.41
C GLY B 209 -6.84 -14.46 -10.91
N GLY B 210 -6.75 -13.15 -10.76
CA GLY B 210 -5.59 -12.38 -11.16
C GLY B 210 -4.71 -11.99 -9.99
N LEU B 211 -4.00 -10.88 -10.15
CA LEU B 211 -3.09 -10.38 -9.13
C LEU B 211 -3.85 -9.50 -8.15
N ILE B 212 -3.78 -9.85 -6.86
CA ILE B 212 -4.43 -9.06 -5.83
C ILE B 212 -3.65 -7.78 -5.53
N ASP B 213 -2.36 -7.74 -5.87
CA ASP B 213 -1.57 -6.54 -5.76
C ASP B 213 -0.46 -6.62 -6.81
N SER B 214 0.39 -5.59 -6.84
CA SER B 214 1.48 -5.54 -7.82
C SER B 214 2.72 -5.01 -7.11
N LYS B 215 3.80 -5.78 -7.18
CA LYS B 215 5.05 -5.41 -6.53
C LYS B 215 6.19 -6.09 -7.28
N GLY B 216 7.39 -6.06 -6.70
CA GLY B 216 8.55 -6.62 -7.36
C GLY B 216 9.54 -7.19 -6.37
N TYR B 217 10.42 -8.04 -6.89
CA TYR B 217 11.55 -8.56 -6.15
C TYR B 217 12.74 -7.62 -6.34
N GLY B 218 13.46 -7.38 -5.25
CA GLY B 218 14.67 -6.56 -5.32
C GLY B 218 15.78 -7.17 -4.49
N ILE B 219 17.00 -6.79 -4.84
CA ILE B 219 18.16 -7.18 -4.05
C ILE B 219 18.18 -6.36 -2.77
N GLY B 220 18.28 -7.05 -1.64
CA GLY B 220 18.30 -6.38 -0.35
C GLY B 220 19.72 -6.09 0.12
N THR B 221 19.87 -4.96 0.79
CA THR B 221 21.14 -4.56 1.38
C THR B 221 20.86 -3.89 2.71
N PRO B 222 21.85 -3.84 3.60
CA PRO B 222 21.66 -3.05 4.82
C PRO B 222 21.34 -1.61 4.47
N MET B 223 20.59 -0.95 5.34
CA MET B 223 20.19 0.41 5.08
C MET B 223 21.40 1.33 4.95
N GLY B 224 21.42 2.14 3.90
CA GLY B 224 22.54 3.02 3.64
C GLY B 224 23.73 2.38 2.97
N SER B 225 23.57 1.20 2.39
CA SER B 225 24.69 0.52 1.76
C SER B 225 25.02 1.20 0.42
N PRO B 226 26.31 1.34 0.09
CA PRO B 226 26.67 1.92 -1.22
C PRO B 226 26.45 0.97 -2.39
N TYR B 227 26.17 -0.30 -2.15
CA TYR B 227 25.98 -1.26 -3.24
C TYR B 227 24.55 -1.29 -3.75
N ARG B 228 23.61 -0.65 -3.08
CA ARG B 228 22.23 -0.68 -3.53
C ARG B 228 22.09 0.00 -4.89
N ASP B 229 22.61 1.22 -5.00
CA ASP B 229 22.53 1.94 -6.27
C ASP B 229 23.38 1.26 -7.34
N LYS B 230 24.54 0.74 -6.97
CA LYS B 230 25.38 0.03 -7.94
C LYS B 230 24.63 -1.18 -8.51
N ILE B 231 23.93 -1.92 -7.65
CA ILE B 231 23.16 -3.07 -8.11
C ILE B 231 21.97 -2.61 -8.93
N THR B 232 21.38 -1.47 -8.61
CA THR B 232 20.32 -0.91 -9.45
C THR B 232 20.84 -0.63 -10.85
N ILE B 233 22.00 0.02 -10.94
CA ILE B 233 22.59 0.32 -12.24
C ILE B 233 22.87 -0.97 -13.00
N ALA B 234 23.38 -1.99 -12.31
CA ALA B 234 23.65 -3.27 -12.97
C ALA B 234 22.36 -3.91 -13.47
N ILE B 235 21.29 -3.84 -12.67
CA ILE B 235 20.01 -4.42 -13.08
C ILE B 235 19.48 -3.70 -14.31
N LEU B 236 19.59 -2.37 -14.33
CA LEU B 236 19.18 -1.61 -15.52
C LEU B 236 19.99 -2.04 -16.73
N GLN B 237 21.30 -2.24 -16.56
CA GLN B 237 22.13 -2.71 -17.66
C GLN B 237 21.64 -4.05 -18.18
N LEU B 238 21.37 -4.99 -17.27
CA LEU B 238 20.88 -6.30 -17.70
C LEU B 238 19.53 -6.20 -18.39
N GLN B 239 18.68 -5.27 -17.97
N GLN B 239 18.68 -5.27 -17.96
CA GLN B 239 17.40 -5.07 -18.66
CA GLN B 239 17.40 -5.07 -18.66
C GLN B 239 17.62 -4.56 -20.07
C GLN B 239 17.63 -4.56 -20.08
N GLU B 240 18.53 -3.60 -20.24
CA GLU B 240 18.82 -3.10 -21.59
C GLU B 240 19.37 -4.21 -22.47
N GLU B 241 20.25 -5.06 -21.91
CA GLU B 241 20.80 -6.19 -22.65
C GLU B 241 19.83 -7.34 -22.76
N ASP B 242 18.64 -7.23 -22.16
CA ASP B 242 17.59 -8.24 -22.28
C ASP B 242 18.01 -9.58 -21.70
N LYS B 243 18.87 -9.55 -20.67
CA LYS B 243 19.37 -10.78 -20.06
C LYS B 243 18.46 -11.34 -18.99
N LEU B 244 17.72 -10.48 -18.27
CA LEU B 244 16.74 -10.96 -17.31
C LEU B 244 15.62 -11.69 -18.01
N HIS B 245 15.30 -11.29 -19.23
CA HIS B 245 14.33 -11.99 -20.06
C HIS B 245 14.77 -13.43 -20.30
N ILE B 246 15.97 -13.62 -20.86
CA ILE B 246 16.40 -14.96 -21.22
C ILE B 246 16.69 -15.80 -19.98
N MET B 247 17.03 -15.16 -18.86
CA MET B 247 17.17 -15.91 -17.62
C MET B 247 15.82 -16.42 -17.13
N LYS B 248 14.85 -15.50 -17.04
CA LYS B 248 13.50 -15.91 -16.67
C LYS B 248 13.03 -17.08 -17.53
N GLU B 249 13.09 -16.91 -18.86
CA GLU B 249 12.69 -18.00 -19.74
C GLU B 249 13.54 -19.24 -19.51
N LYS B 250 14.80 -19.07 -19.12
CA LYS B 250 15.68 -20.22 -18.89
C LYS B 250 15.15 -21.07 -17.75
N TRP B 251 14.76 -20.44 -16.64
CA TRP B 251 14.38 -21.19 -15.46
C TRP B 251 12.87 -21.39 -15.32
N TRP B 252 12.07 -20.79 -16.20
CA TRP B 252 10.63 -20.96 -16.19
C TRP B 252 10.14 -21.78 -17.38
N ARG B 253 11.04 -22.42 -18.12
CA ARG B 253 10.61 -23.37 -19.13
C ARG B 253 9.65 -24.35 -18.49
N GLY B 254 8.54 -24.62 -19.17
CA GLY B 254 7.58 -25.60 -18.69
C GLY B 254 7.64 -26.84 -19.56
N SER B 255 7.40 -27.98 -18.94
CA SER B 255 7.13 -29.18 -19.72
C SER B 255 5.97 -28.95 -20.67
N GLY B 256 4.96 -28.21 -20.21
CA GLY B 256 3.82 -27.86 -21.02
C GLY B 256 2.59 -28.58 -20.51
N CYS B 257 1.52 -27.85 -20.26
CA CYS B 257 0.23 -28.45 -19.95
C CYS B 257 -0.78 -28.08 -21.02
N PRO B 258 -1.42 -29.06 -21.68
CA PRO B 258 -2.43 -28.76 -22.70
C PRO B 258 -3.75 -28.32 -22.07
ZN ZN C . 7.76 2.51 -0.11
ZN ZN D . 12.17 15.91 -15.35
ZN ZN E . -13.82 27.83 -19.54
C1 8VN F . -11.38 16.00 2.45
C2 8VN F . -13.41 14.81 2.09
C3 8VN F . -13.65 14.74 4.69
C4 8VN F . -13.59 15.56 3.44
C5 8VN F . -12.28 16.30 3.67
C6 8VN F . -14.87 13.86 5.01
C7 8VN F . -14.11 15.55 0.94
O1 8VN F . -11.69 15.72 4.83
O3 8VN F . -14.73 12.97 5.87
O4 8VN F . -15.24 16.03 1.13
O5 8VN F . -13.53 15.65 -0.17
N1 8VN F . -11.97 14.82 1.79
N2 8VN F . -12.62 14.84 5.42
O2 8VN F . -15.93 14.09 4.40
C ACT G . -16.75 27.69 -19.22
O ACT G . -16.19 26.91 -20.03
OXT ACT G . -16.03 28.60 -18.76
CH3 ACT G . -18.18 27.53 -18.83
C1 GOL H . -17.22 19.57 4.17
O1 GOL H . -16.25 18.61 4.52
C2 GOL H . -16.79 20.28 2.90
O2 GOL H . -16.12 21.46 3.25
C3 GOL H . -17.98 20.62 1.99
O3 GOL H . -17.66 20.26 0.66
C1 GOL I . -19.54 13.72 -2.29
O1 GOL I . -20.48 13.01 -3.05
C2 GOL I . -20.24 14.88 -1.56
O2 GOL I . -20.06 16.07 -2.30
C3 GOL I . -19.68 15.04 -0.16
O3 GOL I . -19.87 16.37 0.28
CL CL J . 4.78 5.43 -3.50
ZN ZN K . 10.99 -14.20 -24.83
ZN ZN L . 30.86 -9.20 -20.04
ZN ZN M . 27.50 -3.64 7.77
C1 8VN N . 9.33 -14.89 -2.03
C2 8VN N . 8.28 -13.50 -0.38
C3 8VN N . 6.54 -15.47 -0.47
C4 8VN N . 7.90 -14.98 -0.04
C5 8VN N . 8.79 -15.83 -0.93
C6 8VN N . 5.25 -14.82 0.04
C7 8VN N . 8.91 -12.76 0.83
O1 8VN N . 7.94 -16.80 -1.53
O3 8VN N . 5.30 -14.12 1.08
O4 8VN N . 8.49 -13.00 1.97
O5 8VN N . 9.83 -11.93 0.62
N1 8VN N . 9.29 -13.55 -1.44
N2 8VN N . 6.58 -16.45 -1.28
O2 8VN N . 4.21 -15.01 -0.63
#